data_6ED2
#
_entry.id   6ED2
#
_cell.length_a   145.232
_cell.length_b   145.232
_cell.length_c   233.897
_cell.angle_alpha   90.00
_cell.angle_beta   90.00
_cell.angle_gamma   120.00
#
_symmetry.space_group_name_H-M   'P 64 2 2'
#
loop_
_entity.id
_entity.type
_entity.pdbx_description
1 polymer 'Glycosyl hydrolase family 2, TIM barrel domain protein'
2 non-polymer GLYCEROL
3 non-polymer 'MAGNESIUM ION'
4 non-polymer 'FORMIC ACID'
5 water water
#
_entity_poly.entity_id   1
_entity_poly.type   'polypeptide(L)'
_entity_poly.pdbx_seq_one_letter_code
;HHHHHHSSGVDLGTENLYFQSNAMNRSLLYPRATTTRRLIGLDGMWRFSFDPESKGVEAGWALDLPSSLSMPVPASFCDL
FTDKASREYCGDFWYETSFFVPAEWSGWDIVLRFGSVTHRARVFVNGVEVAQHEGGFLPFDATVTNIVRYNQFNKLSVLA
NNELSETMLPAGTTCTLADGRKIAAPYFDFYNYAGIHRPVWLMALPKERVLDYSTRYRLTETGAEIDYTVSTNGPHPVTV
ELYDGTTRVAESSGTTGTLVVKNARLWNVHAAYLYDLVIRIHEGSAVVDEYLDRIGIRTFEIRHGRFLLNGSPVYLRGFG
RHEDADIRGRGLDLPTVKRDFELMKWIGANCFRTSHYPYAEEIYQMADEEGFLIIDEVPAVGFMQSTANFLAANQGNGRQ
QGFFEKETTPALLKNHKAALTDMIDRDKNHPSVIAWSLLNEPQCTSAGTEEYFKPLFELARRLDPQKRPRTYTVLMTSLP
DTSKGQRFADFVSLNRYYGWYVLGGAGLADAEAAFHHEMDGWAKVLHGRPLIFTEYGTDNLSGAHKLPSVMWSAEYQNEY
LEMTHAVFDHYDFVQGELVWNFADFQTTEGILRVDGNKKGIFTRQRQPKDAAYLFRKRWTTLPVDFKKRKK
;
_entity_poly.pdbx_strand_id   A
#
loop_
_chem_comp.id
_chem_comp.type
_chem_comp.name
_chem_comp.formula
FMT non-polymer 'FORMIC ACID' 'C H2 O2'
GOL non-polymer GLYCEROL 'C3 H8 O3'
MG non-polymer 'MAGNESIUM ION' 'Mg 2'
#
# COMPACT_ATOMS: atom_id res chain seq x y z
N ALA A 23 -19.54 2.73 -10.47
CA ALA A 23 -19.93 1.61 -11.34
C ALA A 23 -19.48 1.87 -12.79
N MET A 24 -20.38 2.41 -13.61
CA MET A 24 -19.98 2.91 -14.93
C MET A 24 -19.02 4.09 -14.83
N ASN A 25 -19.06 4.84 -13.73
CA ASN A 25 -18.20 6.00 -13.54
C ASN A 25 -17.06 5.72 -12.58
N ARG A 26 -16.69 4.45 -12.41
CA ARG A 26 -15.56 4.07 -11.56
C ARG A 26 -14.36 4.95 -11.85
N SER A 27 -13.75 5.47 -10.80
CA SER A 27 -12.55 6.28 -10.94
C SER A 27 -11.76 6.24 -9.64
N LEU A 28 -10.46 5.96 -9.73
CA LEU A 28 -9.61 5.91 -8.55
C LEU A 28 -8.65 7.10 -8.51
N LEU A 29 -8.89 8.12 -9.32
CA LEU A 29 -8.12 9.36 -9.25
C LEU A 29 -8.25 10.01 -7.87
N TYR A 30 -7.14 10.51 -7.37
CA TYR A 30 -7.17 11.23 -6.11
C TYR A 30 -8.07 12.46 -6.24
N PRO A 31 -8.96 12.71 -5.28
CA PRO A 31 -9.89 13.84 -5.41
C PRO A 31 -9.15 15.16 -5.47
N ARG A 32 -9.60 16.04 -6.36
CA ARG A 32 -8.93 17.31 -6.62
C ARG A 32 -9.96 18.42 -6.73
N ALA A 33 -9.62 19.59 -6.18
CA ALA A 33 -10.32 20.82 -6.50
C ALA A 33 -9.75 21.38 -7.80
N THR A 34 -10.61 21.68 -8.76
CA THR A 34 -10.17 22.17 -10.06
C THR A 34 -11.13 23.24 -10.54
N THR A 35 -10.83 23.80 -11.72
CA THR A 35 -11.73 24.70 -12.41
C THR A 35 -13.17 24.23 -12.34
N THR A 36 -13.38 22.89 -12.45
CA THR A 36 -14.71 22.32 -12.59
C THR A 36 -15.12 21.40 -11.45
N ARG A 37 -14.22 21.07 -10.53
CA ARG A 37 -14.53 20.12 -9.46
C ARG A 37 -14.45 20.83 -8.12
N ARG A 38 -15.44 20.59 -7.28
CA ARG A 38 -15.42 21.05 -5.90
C ARG A 38 -15.03 19.90 -4.99
N LEU A 39 -14.40 20.25 -3.86
CA LEU A 39 -13.85 19.27 -2.95
C LEU A 39 -14.02 19.76 -1.51
N ILE A 40 -14.67 18.95 -0.68
CA ILE A 40 -14.88 19.28 0.72
C ILE A 40 -14.49 18.07 1.58
N GLY A 41 -13.51 18.24 2.45
CA GLY A 41 -13.15 17.16 3.35
C GLY A 41 -14.18 16.98 4.45
N LEU A 42 -14.40 15.72 4.83
CA LEU A 42 -15.35 15.38 5.87
C LEU A 42 -14.67 14.76 7.09
N ASP A 43 -13.35 14.86 7.18
CA ASP A 43 -12.65 14.35 8.35
C ASP A 43 -13.07 15.14 9.59
N GLY A 44 -13.03 14.49 10.73
CA GLY A 44 -13.33 15.17 11.95
C GLY A 44 -13.86 14.18 12.96
N MET A 45 -14.63 14.70 13.90
CA MET A 45 -15.29 13.84 14.87
C MET A 45 -16.60 13.35 14.26
N TRP A 46 -16.75 12.04 14.16
CA TRP A 46 -18.00 11.43 13.74
C TRP A 46 -18.65 10.76 14.95
N ARG A 47 -19.83 10.20 14.75
CA ARG A 47 -20.47 9.33 15.73
C ARG A 47 -20.19 7.87 15.36
N PHE A 48 -20.29 7.01 16.36
CA PHE A 48 -19.81 5.64 16.23
C PHE A 48 -20.60 4.75 17.18
N SER A 49 -20.96 3.57 16.71
CA SER A 49 -21.59 2.59 17.57
C SER A 49 -21.17 1.19 17.15
N PHE A 50 -20.82 0.37 18.13
CA PHE A 50 -20.73 -1.07 17.91
C PHE A 50 -22.13 -1.63 17.66
N ASP A 51 -22.20 -2.73 16.90
CA ASP A 51 -23.46 -3.41 16.59
C ASP A 51 -23.28 -4.92 16.80
N PRO A 52 -23.14 -5.35 18.06
CA PRO A 52 -22.78 -6.77 18.29
C PRO A 52 -23.86 -7.74 17.88
N GLU A 53 -25.13 -7.31 17.87
N GLU A 53 -25.12 -7.33 17.86
CA GLU A 53 -26.25 -8.15 17.47
CA GLU A 53 -26.19 -8.23 17.44
C GLU A 53 -26.48 -8.13 15.96
C GLU A 53 -26.52 -8.09 15.97
N SER A 54 -25.75 -7.31 15.22
CA SER A 54 -25.96 -7.12 13.77
C SER A 54 -27.42 -6.79 13.44
N LYS A 55 -27.99 -5.86 14.20
CA LYS A 55 -29.39 -5.49 14.05
C LYS A 55 -29.59 -4.10 13.44
N GLY A 56 -28.52 -3.38 13.11
CA GLY A 56 -28.66 -1.98 12.80
C GLY A 56 -29.51 -1.70 11.57
N VAL A 57 -29.37 -2.51 10.52
CA VAL A 57 -30.10 -2.23 9.29
C VAL A 57 -31.60 -2.35 9.53
N GLU A 58 -32.03 -3.47 10.12
CA GLU A 58 -33.45 -3.66 10.36
C GLU A 58 -33.98 -2.68 11.40
N ALA A 59 -33.18 -2.33 12.40
CA ALA A 59 -33.65 -1.45 13.46
C ALA A 59 -33.64 0.02 13.06
N GLY A 60 -33.16 0.36 11.87
CA GLY A 60 -33.20 1.75 11.41
C GLY A 60 -32.01 2.61 11.81
N TRP A 61 -30.86 2.01 12.14
CA TRP A 61 -29.70 2.80 12.55
C TRP A 61 -29.16 3.69 11.44
N ALA A 62 -29.42 3.33 10.17
CA ALA A 62 -28.98 4.21 9.08
C ALA A 62 -29.71 5.55 9.10
N LEU A 63 -30.87 5.63 9.75
CA LEU A 63 -31.61 6.87 9.90
C LEU A 63 -31.18 7.63 11.16
N ASP A 64 -30.92 6.94 12.26
CA ASP A 64 -30.15 7.51 13.37
C ASP A 64 -29.65 6.39 14.27
N LEU A 65 -28.42 6.56 14.74
CA LEU A 65 -27.87 5.67 15.74
C LEU A 65 -28.60 5.90 17.05
N PRO A 66 -29.24 4.89 17.64
CA PRO A 66 -29.92 5.09 18.94
C PRO A 66 -28.98 5.57 20.04
N SER A 67 -27.80 4.98 20.16
CA SER A 67 -26.78 5.48 21.06
C SER A 67 -25.45 5.48 20.31
N SER A 68 -24.56 6.39 20.68
CA SER A 68 -23.31 6.50 19.94
C SER A 68 -22.25 7.14 20.82
N LEU A 69 -21.01 7.06 20.35
CA LEU A 69 -19.90 7.75 20.97
C LEU A 69 -19.13 8.48 19.90
N SER A 70 -18.37 9.50 20.31
CA SER A 70 -17.62 10.31 19.35
C SER A 70 -16.38 9.54 18.91
N MET A 71 -16.05 9.65 17.63
CA MET A 71 -14.95 8.88 17.08
C MET A 71 -14.26 9.70 16.02
N PRO A 72 -12.97 9.97 16.16
CA PRO A 72 -12.27 10.74 15.12
C PRO A 72 -12.11 9.91 13.85
N VAL A 73 -12.24 10.59 12.72
CA VAL A 73 -12.01 10.03 11.39
C VAL A 73 -11.01 10.96 10.72
N PRO A 74 -9.89 10.47 10.17
CA PRO A 74 -9.44 9.08 10.08
C PRO A 74 -8.73 8.54 11.32
N ALA A 75 -9.02 7.29 11.66
CA ALA A 75 -8.28 6.54 12.68
C ALA A 75 -8.80 5.11 12.68
N SER A 76 -7.98 4.19 13.16
CA SER A 76 -8.52 2.93 13.65
C SER A 76 -9.26 3.24 14.94
N PHE A 77 -10.34 2.49 15.20
CA PHE A 77 -11.06 2.74 16.44
C PHE A 77 -10.41 2.07 17.65
N CYS A 78 -9.56 1.07 17.44
CA CYS A 78 -9.26 0.09 18.49
C CYS A 78 -8.49 0.69 19.67
N ASP A 79 -7.45 1.50 19.41
CA ASP A 79 -6.53 1.91 20.46
C ASP A 79 -6.95 3.21 21.15
N LEU A 80 -8.12 3.74 20.82
CA LEU A 80 -8.63 4.92 21.50
C LEU A 80 -9.27 4.56 22.84
N PHE A 81 -9.76 3.33 22.98
CA PHE A 81 -10.51 2.90 24.16
C PHE A 81 -9.58 2.43 25.28
N THR A 82 -10.12 2.40 26.49
CA THR A 82 -9.36 1.89 27.62
C THR A 82 -9.70 0.45 27.99
N ASP A 83 -10.73 -0.15 27.39
CA ASP A 83 -11.13 -1.53 27.68
C ASP A 83 -10.81 -2.45 26.50
N LYS A 84 -10.46 -3.70 26.82
CA LYS A 84 -9.98 -4.63 25.79
C LYS A 84 -11.11 -5.13 24.88
N ALA A 85 -12.35 -5.24 25.40
CA ALA A 85 -13.46 -5.70 24.57
C ALA A 85 -13.69 -4.78 23.39
N SER A 86 -13.54 -3.47 23.58
CA SER A 86 -13.66 -2.55 22.47
C SER A 86 -12.44 -2.61 21.56
N ARG A 87 -11.24 -2.70 22.15
CA ARG A 87 -10.05 -2.80 21.31
C ARG A 87 -10.13 -4.01 20.41
N GLU A 88 -10.62 -5.14 20.93
CA GLU A 88 -10.66 -6.38 20.17
C GLU A 88 -12.01 -6.63 19.48
N TYR A 89 -12.91 -5.64 19.49
CA TYR A 89 -14.23 -5.84 18.91
C TYR A 89 -14.13 -6.34 17.47
N CYS A 90 -14.89 -7.39 17.17
CA CYS A 90 -14.87 -8.00 15.85
C CYS A 90 -16.31 -8.20 15.39
N GLY A 91 -16.69 -7.55 14.30
CA GLY A 91 -18.05 -7.66 13.82
C GLY A 91 -18.46 -6.39 13.10
N ASP A 92 -19.76 -6.10 13.19
CA ASP A 92 -20.36 -4.91 12.58
C ASP A 92 -20.20 -3.69 13.50
N PHE A 93 -19.88 -2.54 12.91
CA PHE A 93 -19.82 -1.27 13.63
C PHE A 93 -20.19 -0.14 12.68
N TRP A 94 -20.69 0.95 13.26
CA TRP A 94 -21.29 2.03 12.48
C TRP A 94 -20.57 3.35 12.72
N TYR A 95 -20.36 4.08 11.63
CA TYR A 95 -19.92 5.47 11.63
C TYR A 95 -21.06 6.33 11.09
N GLU A 96 -21.18 7.55 11.62
CA GLU A 96 -22.26 8.43 11.20
C GLU A 96 -21.78 9.87 11.28
N THR A 97 -22.09 10.65 10.24
CA THR A 97 -21.87 12.08 10.29
C THR A 97 -22.93 12.76 9.42
N SER A 98 -22.80 14.07 9.28
CA SER A 98 -23.72 14.87 8.50
C SER A 98 -22.89 15.72 7.56
N PHE A 99 -23.43 15.98 6.38
CA PHE A 99 -22.73 16.85 5.46
C PHE A 99 -23.76 17.74 4.77
N PHE A 100 -23.31 18.93 4.43
CA PHE A 100 -24.18 19.92 3.83
C PHE A 100 -23.91 19.92 2.34
N VAL A 101 -24.98 19.92 1.56
CA VAL A 101 -24.87 20.05 0.11
C VAL A 101 -25.37 21.43 -0.27
N PRO A 102 -24.52 22.32 -0.79
CA PRO A 102 -24.97 23.66 -1.14
C PRO A 102 -26.03 23.63 -2.23
N ALA A 103 -26.91 24.62 -2.19
CA ALA A 103 -27.89 24.79 -3.27
C ALA A 103 -27.20 24.90 -4.62
N GLU A 104 -26.10 25.64 -4.69
CA GLU A 104 -25.37 25.94 -5.92
C GLU A 104 -24.56 24.74 -6.45
N TRP A 105 -24.68 23.56 -5.85
CA TRP A 105 -24.16 22.33 -6.43
C TRP A 105 -25.18 21.62 -7.31
N SER A 106 -26.43 22.09 -7.34
CA SER A 106 -27.45 21.53 -8.21
C SER A 106 -26.96 21.46 -9.65
N GLY A 107 -27.15 20.31 -10.29
CA GLY A 107 -26.66 20.09 -11.64
C GLY A 107 -25.30 19.42 -11.72
N TRP A 108 -24.51 19.46 -10.65
CA TRP A 108 -23.29 18.68 -10.56
C TRP A 108 -23.60 17.27 -10.12
N ASP A 109 -22.70 16.34 -10.43
CA ASP A 109 -22.72 15.05 -9.76
C ASP A 109 -22.19 15.19 -8.34
N ILE A 110 -22.87 14.55 -7.39
CA ILE A 110 -22.51 14.59 -5.98
C ILE A 110 -22.00 13.21 -5.59
N VAL A 111 -20.73 13.15 -5.20
CA VAL A 111 -20.03 11.88 -5.00
C VAL A 111 -19.25 11.94 -3.70
N LEU A 112 -19.40 10.89 -2.88
CA LEU A 112 -18.57 10.68 -1.68
C LEU A 112 -17.39 9.76 -2.01
N ARG A 113 -16.19 10.14 -1.60
CA ARG A 113 -15.01 9.29 -1.70
C ARG A 113 -14.55 8.86 -0.31
N PHE A 114 -14.37 7.55 -0.14
CA PHE A 114 -13.70 6.99 1.02
C PHE A 114 -12.31 6.50 0.61
N GLY A 115 -11.27 7.13 1.17
CA GLY A 115 -9.92 6.60 0.99
C GLY A 115 -9.87 5.11 1.28
N SER A 116 -10.50 4.70 2.38
CA SER A 116 -10.66 3.27 2.70
C SER A 116 -11.65 3.15 3.85
N VAL A 117 -12.27 1.98 3.93
CA VAL A 117 -13.01 1.55 5.11
C VAL A 117 -12.63 0.09 5.36
N THR A 118 -12.19 -0.22 6.57
CA THR A 118 -11.59 -1.51 6.87
C THR A 118 -12.56 -2.33 7.71
N HIS A 119 -12.95 -3.52 7.24
CA HIS A 119 -12.50 -4.20 6.02
C HIS A 119 -13.50 -4.12 4.85
N ARG A 120 -14.77 -3.87 5.17
CA ARG A 120 -15.83 -3.81 4.17
C ARG A 120 -16.84 -2.78 4.65
N ALA A 121 -17.66 -2.28 3.73
CA ALA A 121 -18.55 -1.18 4.07
C ALA A 121 -19.84 -1.24 3.27
N ARG A 122 -20.92 -0.84 3.92
CA ARG A 122 -22.19 -0.50 3.28
C ARG A 122 -22.51 0.94 3.64
N VAL A 123 -22.67 1.79 2.64
CA VAL A 123 -22.84 3.23 2.83
C VAL A 123 -24.30 3.59 2.59
N PHE A 124 -24.87 4.33 3.53
CA PHE A 124 -26.23 4.86 3.42
C PHE A 124 -26.17 6.38 3.49
N VAL A 125 -26.95 7.03 2.64
CA VAL A 125 -27.17 8.46 2.71
C VAL A 125 -28.67 8.69 2.88
N ASN A 126 -29.04 9.41 3.94
CA ASN A 126 -30.44 9.61 4.30
C ASN A 126 -31.20 8.30 4.33
N GLY A 127 -30.57 7.27 4.89
CA GLY A 127 -31.22 5.99 5.05
C GLY A 127 -31.23 5.08 3.84
N VAL A 128 -30.75 5.51 2.68
CA VAL A 128 -30.78 4.67 1.48
C VAL A 128 -29.37 4.22 1.13
N GLU A 129 -29.23 2.91 0.88
CA GLU A 129 -27.94 2.29 0.56
C GLU A 129 -27.47 2.73 -0.81
N VAL A 130 -26.21 3.21 -0.89
CA VAL A 130 -25.70 3.83 -2.11
C VAL A 130 -24.36 3.25 -2.53
N ALA A 131 -23.74 2.41 -1.70
CA ALA A 131 -22.50 1.77 -2.11
C ALA A 131 -22.21 0.58 -1.21
N GLN A 132 -21.48 -0.37 -1.78
CA GLN A 132 -20.95 -1.51 -1.05
C GLN A 132 -19.52 -1.70 -1.50
N HIS A 133 -18.65 -2.07 -0.56
CA HIS A 133 -17.25 -2.21 -0.89
C HIS A 133 -16.63 -3.30 -0.05
N GLU A 134 -15.78 -4.09 -0.68
CA GLU A 134 -15.03 -5.16 -0.04
C GLU A 134 -13.55 -4.82 -0.12
N GLY A 135 -12.84 -4.95 0.99
CA GLY A 135 -11.41 -4.70 0.99
C GLY A 135 -11.10 -3.43 1.76
N GLY A 136 -10.19 -3.51 2.73
CA GLY A 136 -9.97 -2.43 3.66
C GLY A 136 -8.88 -1.43 3.33
N PHE A 137 -8.30 -1.49 2.11
CA PHE A 137 -7.11 -0.67 1.90
C PHE A 137 -7.09 0.04 0.57
N LEU A 138 -8.23 0.18 -0.10
CA LEU A 138 -8.27 0.83 -1.39
C LEU A 138 -9.55 1.65 -1.48
N PRO A 139 -9.57 2.69 -2.30
CA PRO A 139 -10.67 3.66 -2.25
C PRO A 139 -11.88 3.23 -3.05
N PHE A 140 -13.02 3.83 -2.70
CA PHE A 140 -14.25 3.65 -3.44
C PHE A 140 -15.13 4.89 -3.31
N ASP A 141 -16.02 5.07 -4.29
CA ASP A 141 -16.90 6.20 -4.38
C ASP A 141 -18.36 5.80 -4.22
N ALA A 142 -19.19 6.74 -3.77
CA ALA A 142 -20.63 6.57 -3.70
C ALA A 142 -21.29 7.79 -4.34
N THR A 143 -22.04 7.56 -5.43
CA THR A 143 -22.72 8.65 -6.11
C THR A 143 -24.05 8.93 -5.42
N VAL A 144 -24.27 10.18 -5.00
CA VAL A 144 -25.47 10.44 -4.19
C VAL A 144 -26.25 11.60 -4.79
N THR A 145 -26.03 11.85 -6.08
CA THR A 145 -26.64 12.99 -6.78
C THR A 145 -28.15 13.06 -6.58
N ASN A 146 -28.84 11.93 -6.73
CA ASN A 146 -30.30 11.93 -6.64
C ASN A 146 -30.80 11.52 -5.28
N ILE A 147 -29.94 11.41 -4.28
CA ILE A 147 -30.36 11.04 -2.95
C ILE A 147 -30.28 12.21 -1.96
N VAL A 148 -29.41 13.17 -2.19
CA VAL A 148 -29.19 14.25 -1.24
C VAL A 148 -30.31 15.28 -1.35
N ARG A 149 -30.55 15.98 -0.24
CA ARG A 149 -31.36 17.19 -0.26
C ARG A 149 -30.43 18.38 -0.42
N TYR A 150 -30.75 19.27 -1.35
CA TYR A 150 -29.89 20.40 -1.70
C TYR A 150 -30.13 21.60 -0.77
N ASN A 151 -29.05 22.30 -0.45
CA ASN A 151 -29.02 23.35 0.57
C ASN A 151 -29.58 22.85 1.92
N GLN A 152 -29.30 21.59 2.24
CA GLN A 152 -29.67 21.02 3.52
C GLN A 152 -28.56 20.11 4.00
N PHE A 153 -28.69 19.69 5.25
CA PHE A 153 -27.81 18.67 5.78
C PHE A 153 -28.30 17.28 5.39
N ASN A 154 -27.34 16.36 5.25
CA ASN A 154 -27.60 14.99 4.84
C ASN A 154 -26.90 14.03 5.78
N LYS A 155 -27.55 12.91 6.08
CA LYS A 155 -26.99 11.92 6.99
C LYS A 155 -26.15 10.90 6.23
N LEU A 156 -24.91 10.72 6.67
CA LEU A 156 -24.00 9.72 6.11
C LEU A 156 -23.80 8.66 7.18
N SER A 157 -24.24 7.43 6.88
CA SER A 157 -24.06 6.29 7.77
C SER A 157 -23.25 5.23 7.07
N VAL A 158 -22.24 4.69 7.76
CA VAL A 158 -21.40 3.64 7.21
C VAL A 158 -21.51 2.43 8.13
N LEU A 159 -21.99 1.33 7.57
CA LEU A 159 -21.98 0.04 8.25
C LEU A 159 -20.72 -0.68 7.81
N ALA A 160 -19.76 -0.83 8.71
CA ALA A 160 -18.50 -1.48 8.41
C ALA A 160 -18.40 -2.78 9.20
N ASN A 161 -17.45 -3.62 8.77
CA ASN A 161 -17.26 -4.94 9.38
C ASN A 161 -15.78 -5.28 9.28
N ASN A 162 -15.24 -5.91 10.33
CA ASN A 162 -13.81 -6.23 10.33
C ASN A 162 -13.56 -7.73 10.54
N GLU A 163 -14.55 -8.57 10.29
CA GLU A 163 -14.36 -10.00 10.43
C GLU A 163 -13.42 -10.51 9.34
N LEU A 164 -12.66 -11.54 9.70
CA LEU A 164 -11.69 -12.16 8.82
C LEU A 164 -12.21 -13.50 8.30
N SER A 165 -11.80 -13.84 7.07
CA SER A 165 -12.13 -15.13 6.48
C SER A 165 -11.00 -15.55 5.55
N GLU A 166 -11.13 -16.75 4.97
CA GLU A 166 -10.16 -17.29 4.05
C GLU A 166 -10.42 -16.89 2.60
N THR A 167 -11.41 -16.04 2.35
CA THR A 167 -11.68 -15.59 0.98
C THR A 167 -11.40 -14.10 0.79
N MET A 168 -10.74 -13.45 1.74
CA MET A 168 -10.48 -12.01 1.66
C MET A 168 -8.99 -11.73 1.76
N LEU A 169 -8.63 -10.50 1.40
CA LEU A 169 -7.29 -9.98 1.59
C LEU A 169 -7.34 -8.87 2.65
N PRO A 170 -6.69 -9.05 3.82
CA PRO A 170 -5.84 -10.17 4.23
C PRO A 170 -6.65 -11.33 4.82
N ALA A 171 -6.04 -12.50 4.89
CA ALA A 171 -6.76 -13.73 5.23
C ALA A 171 -6.66 -14.06 6.71
N GLY A 172 -7.72 -14.66 7.23
CA GLY A 172 -7.67 -15.15 8.59
C GLY A 172 -8.97 -15.85 8.90
N THR A 173 -9.26 -15.98 10.19
CA THR A 173 -10.57 -16.46 10.61
C THR A 173 -11.01 -15.63 11.80
N THR A 174 -12.23 -15.89 12.26
CA THR A 174 -12.70 -15.36 13.53
C THR A 174 -13.05 -16.52 14.45
N CYS A 175 -13.00 -16.26 15.74
CA CYS A 175 -13.31 -17.26 16.75
C CYS A 175 -14.34 -16.67 17.71
N THR A 176 -15.02 -17.53 18.45
CA THR A 176 -16.00 -17.11 19.45
C THR A 176 -15.46 -17.43 20.83
N LEU A 177 -15.44 -16.42 21.71
CA LEU A 177 -14.96 -16.63 23.07
C LEU A 177 -16.07 -17.26 23.91
N ALA A 178 -15.75 -17.57 25.17
CA ALA A 178 -16.72 -18.24 26.03
C ALA A 178 -18.00 -17.42 26.18
N ASP A 179 -17.87 -16.11 26.39
CA ASP A 179 -19.05 -15.27 26.58
C ASP A 179 -19.80 -14.95 25.29
N GLY A 180 -19.33 -15.42 24.14
CA GLY A 180 -20.01 -15.20 22.89
C GLY A 180 -19.48 -14.08 22.02
N ARG A 181 -18.48 -13.33 22.49
CA ARG A 181 -17.89 -12.27 21.68
C ARG A 181 -17.07 -12.87 20.55
N LYS A 182 -17.22 -12.33 19.35
CA LYS A 182 -16.34 -12.65 18.24
C LYS A 182 -14.97 -12.02 18.49
N ILE A 183 -13.92 -12.73 18.09
CA ILE A 183 -12.55 -12.26 18.17
C ILE A 183 -11.91 -12.57 16.82
N ALA A 184 -11.04 -11.68 16.34
CA ALA A 184 -10.36 -11.94 15.08
C ALA A 184 -9.14 -12.80 15.33
N ALA A 185 -8.90 -13.75 14.42
CA ALA A 185 -7.76 -14.67 14.49
C ALA A 185 -7.02 -14.58 13.17
N PRO A 186 -6.14 -13.60 13.01
CA PRO A 186 -5.47 -13.40 11.73
C PRO A 186 -4.52 -14.54 11.41
N TYR A 187 -4.36 -14.81 10.11
CA TYR A 187 -3.24 -15.62 9.64
C TYR A 187 -2.03 -14.75 9.35
N PHE A 188 -2.06 -13.50 9.79
CA PHE A 188 -1.00 -12.54 9.51
C PHE A 188 -0.49 -11.95 10.82
N ASP A 189 0.71 -11.39 10.79
N ASP A 189 0.58 -11.20 10.61
CA ASP A 189 1.33 -11.03 12.07
CA ASP A 189 1.59 -10.82 11.58
C ASP A 189 0.73 -9.75 12.67
C ASP A 189 1.45 -9.36 11.96
N PHE A 190 0.23 -8.83 11.86
CA PHE A 190 -0.08 -7.48 12.32
C PHE A 190 -1.49 -7.40 12.92
N TYR A 191 -1.68 -6.43 13.81
CA TYR A 191 -2.95 -6.30 14.50
C TYR A 191 -4.08 -5.96 13.52
N ASN A 192 -5.27 -6.49 13.80
CA ASN A 192 -6.42 -6.32 12.90
C ASN A 192 -7.09 -4.95 13.11
N TYR A 193 -6.30 -3.88 12.94
CA TYR A 193 -6.85 -2.53 13.03
C TYR A 193 -7.94 -2.32 12.00
N ALA A 194 -9.08 -1.80 12.43
CA ALA A 194 -10.16 -1.47 11.50
C ALA A 194 -10.75 -0.12 11.90
N GLY A 195 -11.65 0.37 11.06
CA GLY A 195 -12.22 1.70 11.22
C GLY A 195 -12.22 2.42 9.90
N ILE A 196 -12.18 3.74 9.93
CA ILE A 196 -12.06 4.54 8.72
C ILE A 196 -10.70 5.22 8.76
N HIS A 197 -9.76 4.68 8.01
CA HIS A 197 -8.35 4.97 8.18
C HIS A 197 -7.87 6.16 7.37
N ARG A 198 -8.65 6.64 6.41
CA ARG A 198 -8.13 7.60 5.45
C ARG A 198 -9.14 8.71 5.22
N PRO A 199 -8.72 9.84 4.66
CA PRO A 199 -9.65 10.96 4.43
C PRO A 199 -10.89 10.56 3.64
N VAL A 200 -12.02 11.13 4.06
CA VAL A 200 -13.32 11.03 3.39
C VAL A 200 -13.62 12.36 2.74
N TRP A 201 -14.23 12.34 1.56
CA TRP A 201 -14.39 13.55 0.77
C TRP A 201 -15.78 13.66 0.18
N LEU A 202 -16.25 14.88 0.11
CA LEU A 202 -17.48 15.24 -0.57
C LEU A 202 -17.10 16.02 -1.81
N MET A 203 -17.57 15.56 -2.97
CA MET A 203 -17.15 16.11 -4.25
C MET A 203 -18.35 16.59 -5.05
N ALA A 204 -18.18 17.67 -5.79
CA ALA A 204 -19.10 18.05 -6.85
C ALA A 204 -18.33 17.93 -8.16
N LEU A 205 -18.80 17.05 -9.05
CA LEU A 205 -18.07 16.72 -10.28
C LEU A 205 -19.00 16.91 -11.48
N PRO A 206 -18.47 17.38 -12.60
CA PRO A 206 -19.28 17.45 -13.82
C PRO A 206 -19.77 16.05 -14.21
N LYS A 207 -20.99 16.01 -14.76
CA LYS A 207 -21.54 14.72 -15.14
C LYS A 207 -20.74 14.04 -16.25
N GLU A 208 -20.12 14.83 -17.13
CA GLU A 208 -19.14 14.31 -18.07
C GLU A 208 -17.75 14.67 -17.57
N ARG A 209 -16.93 13.66 -17.29
CA ARG A 209 -15.68 13.95 -16.61
C ARG A 209 -14.63 12.90 -16.92
N VAL A 210 -13.36 13.30 -16.70
CA VAL A 210 -12.26 12.36 -16.69
C VAL A 210 -12.45 11.33 -15.58
N LEU A 211 -12.32 10.03 -15.94
CA LEU A 211 -12.33 8.95 -14.98
C LEU A 211 -10.95 8.34 -14.74
N ASP A 212 -10.04 8.47 -15.68
CA ASP A 212 -8.75 7.80 -15.56
C ASP A 212 -7.81 8.36 -16.62
N TYR A 213 -6.52 8.15 -16.40
CA TYR A 213 -5.52 8.43 -17.40
C TYR A 213 -4.34 7.53 -17.11
N SER A 214 -3.51 7.34 -18.12
CA SER A 214 -2.33 6.50 -18.00
C SER A 214 -1.19 7.20 -18.70
N THR A 215 0.04 6.89 -18.27
CA THR A 215 1.26 7.42 -18.86
C THR A 215 2.29 6.30 -18.99
N ARG A 216 3.10 6.40 -20.05
CA ARG A 216 4.31 5.61 -20.32
C ARG A 216 5.41 6.59 -20.68
N TYR A 217 6.64 6.25 -20.32
CA TYR A 217 7.74 7.20 -20.49
C TYR A 217 8.83 6.61 -21.37
N ARG A 218 9.49 7.50 -22.10
CA ARG A 218 10.54 7.14 -23.03
C ARG A 218 11.56 8.28 -23.04
N LEU A 219 12.83 7.95 -22.86
CA LEU A 219 13.89 8.95 -22.93
C LEU A 219 14.43 9.02 -24.36
N THR A 220 14.72 10.23 -24.81
CA THR A 220 15.23 10.47 -26.16
C THR A 220 16.53 11.24 -26.07
N GLU A 221 17.14 11.52 -27.23
CA GLU A 221 18.41 12.23 -27.22
C GLU A 221 18.26 13.67 -26.75
N THR A 222 17.13 14.31 -27.07
CA THR A 222 16.89 15.71 -26.72
C THR A 222 15.91 15.88 -25.57
N GLY A 223 15.37 14.81 -25.02
CA GLY A 223 14.49 14.96 -23.88
C GLY A 223 13.73 13.69 -23.57
N ALA A 224 12.40 13.78 -23.57
CA ALA A 224 11.60 12.63 -23.22
C ALA A 224 10.25 12.74 -23.92
N GLU A 225 9.56 11.62 -23.97
CA GLU A 225 8.21 11.55 -24.51
C GLU A 225 7.32 10.79 -23.54
N ILE A 226 6.10 11.27 -23.38
CA ILE A 226 5.10 10.66 -22.52
C ILE A 226 3.93 10.27 -23.42
N ASP A 227 3.69 8.97 -23.56
CA ASP A 227 2.47 8.49 -24.19
C ASP A 227 1.38 8.42 -23.13
N TYR A 228 0.22 8.97 -23.45
CA TYR A 228 -0.86 9.04 -22.49
C TYR A 228 -2.12 8.46 -23.12
N THR A 229 -3.01 7.97 -22.25
CA THR A 229 -4.41 7.83 -22.59
C THR A 229 -5.22 8.59 -21.55
N VAL A 230 -6.42 9.00 -21.94
CA VAL A 230 -7.41 9.56 -21.03
C VAL A 230 -8.73 8.84 -21.26
N SER A 231 -9.39 8.43 -20.18
CA SER A 231 -10.72 7.85 -20.25
C SER A 231 -11.74 8.82 -19.66
N THR A 232 -12.71 9.23 -20.46
CA THR A 232 -13.86 9.99 -20.00
C THR A 232 -15.12 9.15 -20.19
N ASN A 233 -16.19 9.55 -19.48
CA ASN A 233 -17.51 8.93 -19.65
C ASN A 233 -18.37 9.65 -20.68
N GLY A 234 -17.78 10.39 -21.62
CA GLY A 234 -18.56 11.07 -22.63
C GLY A 234 -17.81 11.35 -23.92
N PRO A 235 -18.47 12.03 -24.87
CA PRO A 235 -17.94 12.16 -26.22
C PRO A 235 -17.13 13.41 -26.51
N HIS A 236 -17.03 14.36 -25.56
CA HIS A 236 -16.45 15.65 -25.88
C HIS A 236 -14.93 15.61 -25.85
N PRO A 237 -14.29 16.45 -26.67
CA PRO A 237 -12.85 16.35 -26.88
C PRO A 237 -12.02 16.62 -25.64
N VAL A 238 -10.79 16.10 -25.67
CA VAL A 238 -9.85 16.12 -24.57
C VAL A 238 -8.58 16.84 -25.00
N THR A 239 -8.04 17.69 -24.14
CA THR A 239 -6.70 18.20 -24.32
C THR A 239 -5.89 17.89 -23.06
N VAL A 240 -4.59 17.75 -23.24
CA VAL A 240 -3.66 17.45 -22.16
C VAL A 240 -2.49 18.40 -22.29
N GLU A 241 -2.10 19.00 -21.18
CA GLU A 241 -1.00 19.96 -21.16
C GLU A 241 -0.07 19.62 -20.02
N LEU A 242 1.21 19.95 -20.19
CA LEU A 242 2.22 19.70 -19.18
C LEU A 242 2.91 21.02 -18.88
N TYR A 243 2.91 21.40 -17.59
CA TYR A 243 3.50 22.67 -17.16
C TYR A 243 4.71 22.42 -16.28
N ASP A 244 5.75 23.19 -16.52
CA ASP A 244 6.89 23.33 -15.63
C ASP A 244 6.77 24.71 -14.99
N GLY A 245 6.20 24.78 -13.79
CA GLY A 245 5.88 26.09 -13.27
C GLY A 245 4.78 26.71 -14.11
N THR A 246 4.99 27.96 -14.55
CA THR A 246 4.01 28.63 -15.39
C THR A 246 4.27 28.43 -16.88
N THR A 247 5.36 27.78 -17.24
CA THR A 247 5.67 27.53 -18.64
C THR A 247 5.04 26.21 -19.09
N ARG A 248 4.23 26.26 -20.13
CA ARG A 248 3.74 25.04 -20.75
C ARG A 248 4.87 24.41 -21.57
N VAL A 249 5.21 23.17 -21.27
CA VAL A 249 6.30 22.50 -21.98
C VAL A 249 5.80 21.49 -23.01
N ALA A 250 4.53 21.10 -22.94
CA ALA A 250 3.96 20.17 -23.92
C ALA A 250 2.45 20.32 -23.89
N GLU A 251 1.82 20.01 -25.02
CA GLU A 251 0.38 19.95 -25.06
C GLU A 251 -0.02 19.00 -26.18
N SER A 252 -1.24 18.49 -26.09
CA SER A 252 -1.72 17.54 -27.07
C SER A 252 -3.24 17.50 -27.01
N SER A 253 -3.86 17.41 -28.18
CA SER A 253 -5.28 17.14 -28.29
C SER A 253 -5.52 15.65 -28.49
N GLY A 254 -6.62 15.16 -27.96
CA GLY A 254 -7.03 13.79 -28.13
C GLY A 254 -6.92 13.00 -26.83
N THR A 255 -7.77 11.98 -26.70
CA THR A 255 -7.73 11.05 -25.56
C THR A 255 -6.57 10.08 -25.62
N THR A 256 -5.77 10.09 -26.68
CA THR A 256 -4.49 9.41 -26.71
C THR A 256 -3.53 10.35 -27.41
N GLY A 257 -2.24 10.19 -27.13
CA GLY A 257 -1.26 11.05 -27.76
C GLY A 257 0.07 10.92 -27.06
N THR A 258 0.96 11.84 -27.43
CA THR A 258 2.32 11.87 -26.94
C THR A 258 2.64 13.30 -26.53
N LEU A 259 3.17 13.48 -25.32
CA LEU A 259 3.71 14.77 -24.91
C LEU A 259 5.21 14.73 -25.12
N VAL A 260 5.72 15.65 -25.92
CA VAL A 260 7.15 15.76 -26.19
C VAL A 260 7.72 16.82 -25.26
N VAL A 261 8.68 16.44 -24.41
CA VAL A 261 9.24 17.35 -23.43
C VAL A 261 10.73 17.51 -23.72
N LYS A 262 11.08 18.61 -24.39
CA LYS A 262 12.47 18.86 -24.73
C LYS A 262 13.28 19.23 -23.49
N ASN A 263 14.48 18.67 -23.39
CA ASN A 263 15.34 18.88 -22.22
C ASN A 263 14.60 18.54 -20.92
N ALA A 264 13.81 17.47 -20.98
CA ALA A 264 13.06 16.99 -19.83
C ALA A 264 13.97 16.89 -18.60
N ARG A 265 13.48 17.41 -17.47
CA ARG A 265 14.12 17.19 -16.18
C ARG A 265 13.58 15.90 -15.60
N LEU A 266 14.45 14.91 -15.48
CA LEU A 266 14.04 13.56 -15.13
C LEU A 266 13.86 13.43 -13.62
N TRP A 267 12.89 12.60 -13.25
CA TRP A 267 12.68 12.20 -11.86
C TRP A 267 13.71 11.13 -11.49
N ASN A 268 14.41 11.33 -10.38
CA ASN A 268 15.49 10.45 -9.97
C ASN A 268 15.44 10.17 -8.48
N VAL A 269 16.10 9.09 -8.07
CA VAL A 269 16.17 8.72 -6.66
C VAL A 269 16.78 9.87 -5.88
N HIS A 270 16.09 10.30 -4.82
CA HIS A 270 16.51 11.43 -3.98
C HIS A 270 16.69 12.72 -4.78
N ALA A 271 16.22 12.77 -6.01
CA ALA A 271 16.35 13.94 -6.87
C ALA A 271 15.09 14.04 -7.71
N ALA A 272 13.95 14.14 -7.05
CA ALA A 272 12.69 14.11 -7.76
C ALA A 272 12.52 15.39 -8.57
N TYR A 273 11.80 15.27 -9.67
CA TYR A 273 11.27 16.44 -10.37
C TYR A 273 9.89 16.11 -10.89
N LEU A 274 8.93 16.97 -10.59
CA LEU A 274 7.54 16.75 -10.94
C LEU A 274 7.08 17.84 -11.89
N TYR A 275 6.23 17.48 -12.85
CA TYR A 275 5.59 18.39 -13.76
C TYR A 275 4.09 18.43 -13.44
N ASP A 276 3.45 19.52 -13.81
CA ASP A 276 2.03 19.68 -13.55
C ASP A 276 1.26 19.26 -14.81
N LEU A 277 0.33 18.33 -14.62
CA LEU A 277 -0.46 17.78 -15.71
C LEU A 277 -1.85 18.39 -15.66
N VAL A 278 -2.33 18.90 -16.80
CA VAL A 278 -3.67 19.50 -16.89
C VAL A 278 -4.44 18.74 -17.95
N ILE A 279 -5.51 18.06 -17.55
CA ILE A 279 -6.38 17.33 -18.46
C ILE A 279 -7.73 18.01 -18.49
N ARG A 280 -8.20 18.40 -19.68
CA ARG A 280 -9.44 19.13 -19.81
C ARG A 280 -10.36 18.50 -20.85
N ILE A 281 -11.66 18.51 -20.56
CA ILE A 281 -12.70 18.22 -21.53
C ILE A 281 -13.34 19.55 -21.95
N HIS A 282 -13.60 19.71 -23.25
CA HIS A 282 -14.19 20.93 -23.78
C HIS A 282 -15.47 20.64 -24.54
N GLU A 283 -16.46 21.52 -24.38
CA GLU A 283 -17.64 21.58 -25.24
C GLU A 283 -17.58 22.96 -25.90
N GLY A 284 -17.18 23.00 -27.15
CA GLY A 284 -16.92 24.27 -27.79
C GLY A 284 -15.73 24.94 -27.13
N SER A 285 -15.95 26.17 -26.67
CA SER A 285 -14.91 26.91 -25.96
C SER A 285 -15.07 26.82 -24.45
N ALA A 286 -16.11 26.15 -23.95
CA ALA A 286 -16.26 25.98 -22.52
C ALA A 286 -15.46 24.76 -22.04
N VAL A 287 -14.92 24.86 -20.83
CA VAL A 287 -14.27 23.73 -20.18
C VAL A 287 -15.33 22.95 -19.41
N VAL A 288 -15.56 21.68 -19.77
CA VAL A 288 -16.57 20.92 -19.04
C VAL A 288 -15.97 20.13 -17.88
N ASP A 289 -14.70 19.80 -17.93
CA ASP A 289 -14.08 19.14 -16.79
C ASP A 289 -12.59 19.40 -16.85
N GLU A 290 -11.97 19.43 -15.68
CA GLU A 290 -10.53 19.58 -15.61
C GLU A 290 -10.00 18.71 -14.49
N TYR A 291 -8.98 17.92 -14.79
CA TYR A 291 -8.30 17.14 -13.79
C TYR A 291 -6.85 17.59 -13.76
N LEU A 292 -6.27 17.56 -12.57
CA LEU A 292 -4.94 18.10 -12.30
C LEU A 292 -4.13 17.07 -11.51
N ASP A 293 -2.88 16.89 -11.90
CA ASP A 293 -2.04 15.93 -11.21
C ASP A 293 -0.60 16.34 -11.45
N ARG A 294 0.31 15.64 -10.78
CA ARG A 294 1.73 15.85 -10.94
C ARG A 294 2.37 14.52 -11.28
N ILE A 295 3.26 14.53 -12.27
CA ILE A 295 3.88 13.32 -12.76
C ILE A 295 5.38 13.54 -12.83
N GLY A 296 6.12 12.44 -12.75
CA GLY A 296 7.56 12.46 -12.90
C GLY A 296 7.95 11.69 -14.14
N ILE A 297 8.95 12.20 -14.84
CA ILE A 297 9.42 11.59 -16.09
C ILE A 297 10.57 10.66 -15.73
N ARG A 298 10.31 9.36 -15.78
CA ARG A 298 11.33 8.38 -15.45
C ARG A 298 10.93 7.04 -16.06
N THR A 299 11.95 6.25 -16.43
CA THR A 299 11.77 4.89 -16.89
C THR A 299 12.33 3.91 -15.86
N PHE A 300 11.69 2.75 -15.76
CA PHE A 300 12.18 1.74 -14.82
C PHE A 300 11.92 0.34 -15.38
N GLU A 301 12.96 -0.49 -15.40
CA GLU A 301 12.87 -1.84 -15.97
C GLU A 301 14.05 -2.67 -15.49
N ILE A 302 13.86 -3.98 -15.48
CA ILE A 302 14.95 -4.92 -15.26
C ILE A 302 15.59 -5.25 -16.60
N ARG A 303 16.89 -4.95 -16.74
CA ARG A 303 17.68 -5.42 -17.87
C ARG A 303 19.07 -5.79 -17.36
N HIS A 304 19.62 -6.87 -17.91
CA HIS A 304 20.95 -7.33 -17.53
C HIS A 304 21.02 -7.62 -16.03
N GLY A 305 19.92 -8.17 -15.51
CA GLY A 305 19.84 -8.55 -14.11
C GLY A 305 19.98 -7.41 -13.13
N ARG A 306 19.66 -6.17 -13.55
CA ARG A 306 19.76 -4.99 -12.71
C ARG A 306 18.45 -4.19 -12.78
N PHE A 307 18.10 -3.54 -11.67
CA PHE A 307 17.04 -2.54 -11.64
C PHE A 307 17.55 -1.27 -12.31
N LEU A 308 17.00 -0.92 -13.47
CA LEU A 308 17.46 0.27 -14.20
C LEU A 308 16.44 1.39 -14.06
N LEU A 309 16.88 2.50 -13.46
CA LEU A 309 16.09 3.72 -13.34
C LEU A 309 16.69 4.75 -14.27
N ASN A 310 15.92 5.19 -15.26
CA ASN A 310 16.44 6.08 -16.29
C ASN A 310 17.71 5.51 -16.92
N GLY A 311 17.73 4.19 -17.10
CA GLY A 311 18.86 3.54 -17.74
C GLY A 311 20.08 3.35 -16.87
N SER A 312 20.02 3.69 -15.57
CA SER A 312 21.14 3.46 -14.67
C SER A 312 20.75 2.52 -13.53
N PRO A 313 21.64 1.61 -13.13
CA PRO A 313 21.27 0.62 -12.11
C PRO A 313 21.17 1.25 -10.72
N VAL A 314 20.22 0.74 -9.93
CA VAL A 314 20.01 1.18 -8.56
C VAL A 314 20.00 -0.04 -7.66
N TYR A 315 20.82 -0.01 -6.62
CA TYR A 315 20.77 -1.03 -5.57
C TYR A 315 19.76 -0.58 -4.52
N LEU A 316 18.67 -1.34 -4.37
CA LEU A 316 17.58 -0.94 -3.50
C LEU A 316 17.98 -1.12 -2.04
N ARG A 317 17.70 -0.12 -1.22
CA ARG A 317 17.94 -0.19 0.22
C ARG A 317 16.81 0.55 0.92
N GLY A 318 16.28 -0.04 1.98
CA GLY A 318 15.17 0.57 2.67
C GLY A 318 14.41 -0.41 3.53
N PHE A 319 13.08 -0.34 3.50
CA PHE A 319 12.28 -0.96 4.54
C PHE A 319 11.07 -1.66 3.99
N GLY A 320 10.64 -2.69 4.71
CA GLY A 320 9.23 -2.97 4.82
C GLY A 320 8.64 -2.06 5.89
N ARG A 321 7.50 -1.46 5.59
CA ARG A 321 6.85 -0.51 6.46
C ARG A 321 5.53 -1.08 7.00
N HIS A 322 4.81 -0.23 7.72
CA HIS A 322 3.43 -0.45 8.08
C HIS A 322 2.76 0.90 8.19
N GLU A 323 1.46 0.93 7.96
CA GLU A 323 0.67 2.10 8.35
C GLU A 323 0.28 1.84 9.80
N ASP A 324 1.09 2.36 10.71
CA ASP A 324 0.97 2.02 12.12
C ASP A 324 1.62 3.13 12.93
N ALA A 325 0.94 3.56 13.99
CA ALA A 325 1.49 4.54 14.92
C ALA A 325 0.72 4.44 16.23
N ASP A 326 1.25 5.09 17.28
CA ASP A 326 0.56 5.13 18.56
C ASP A 326 -0.83 5.74 18.42
N ILE A 327 -1.77 5.20 19.20
CA ILE A 327 -3.11 5.77 19.35
C ILE A 327 -4.01 5.55 18.13
N ARG A 328 -3.56 5.94 16.95
CA ARG A 328 -4.44 6.01 15.77
C ARG A 328 -4.49 4.72 14.95
N GLY A 329 -3.76 3.68 15.32
CA GLY A 329 -3.77 2.46 14.50
C GLY A 329 -3.20 2.72 13.13
N ARG A 330 -3.98 2.45 12.08
CA ARG A 330 -3.53 2.69 10.71
C ARG A 330 -4.01 4.02 10.16
N GLY A 331 -4.58 4.87 11.00
CA GLY A 331 -5.04 6.17 10.54
C GLY A 331 -3.93 6.98 9.89
N LEU A 332 -4.30 7.68 8.82
CA LEU A 332 -3.35 8.56 8.16
C LEU A 332 -3.03 9.73 9.08
N ASP A 333 -1.74 10.05 9.18
CA ASP A 333 -1.28 11.18 9.97
C ASP A 333 -0.12 11.81 9.21
N LEU A 334 -0.39 12.94 8.57
CA LEU A 334 0.65 13.60 7.79
C LEU A 334 1.88 14.01 8.61
N PRO A 335 1.77 14.41 9.88
CA PRO A 335 3.02 14.67 10.62
C PRO A 335 3.88 13.43 10.76
N THR A 336 3.28 12.28 11.09
CA THR A 336 4.05 11.03 11.14
C THR A 336 4.66 10.70 9.78
N VAL A 337 3.89 10.92 8.70
CA VAL A 337 4.39 10.64 7.36
C VAL A 337 5.61 11.51 7.04
N LYS A 338 5.52 12.80 7.33
CA LYS A 338 6.66 13.69 7.10
C LYS A 338 7.87 13.24 7.91
N ARG A 339 7.68 12.98 9.19
CA ARG A 339 8.78 12.51 10.03
C ARG A 339 9.38 11.22 9.48
N ASP A 340 8.53 10.28 9.02
CA ASP A 340 9.05 9.01 8.51
C ASP A 340 9.93 9.23 7.29
N PHE A 341 9.51 10.10 6.37
CA PHE A 341 10.38 10.41 5.22
C PHE A 341 11.65 11.13 5.65
N GLU A 342 11.57 12.07 6.61
CA GLU A 342 12.79 12.69 7.11
C GLU A 342 13.74 11.64 7.67
N LEU A 343 13.22 10.64 8.38
CA LEU A 343 14.04 9.54 8.89
C LEU A 343 14.58 8.67 7.76
N MET A 344 13.75 8.35 6.76
CA MET A 344 14.26 7.53 5.67
C MET A 344 15.31 8.27 4.86
N LYS A 345 15.16 9.59 4.71
CA LYS A 345 16.24 10.36 4.06
C LYS A 345 17.49 10.38 4.92
N TRP A 346 17.33 10.59 6.22
CA TRP A 346 18.49 10.63 7.11
C TRP A 346 19.27 9.33 7.06
N ILE A 347 18.56 8.19 7.04
CA ILE A 347 19.25 6.91 7.10
C ILE A 347 19.81 6.45 5.74
N GLY A 348 19.45 7.10 4.64
CA GLY A 348 19.99 6.72 3.34
C GLY A 348 19.17 5.69 2.58
N ALA A 349 17.94 5.43 3.01
CA ALA A 349 17.06 4.55 2.27
C ALA A 349 16.70 5.19 0.92
N ASN A 350 16.49 4.35 -0.10
CA ASN A 350 15.92 4.85 -1.35
C ASN A 350 14.64 4.11 -1.74
N CYS A 351 14.12 3.24 -0.88
CA CYS A 351 13.08 2.33 -1.34
C CYS A 351 12.31 1.79 -0.15
N PHE A 352 11.01 1.58 -0.33
CA PHE A 352 10.28 0.77 0.64
C PHE A 352 9.14 0.01 -0.04
N ARG A 353 8.69 -1.04 0.64
CA ARG A 353 7.58 -1.86 0.19
C ARG A 353 6.36 -1.54 1.04
N THR A 354 5.18 -1.47 0.42
CA THR A 354 3.97 -1.18 1.17
C THR A 354 3.39 -2.46 1.78
N SER A 355 4.20 -3.06 2.64
CA SER A 355 3.75 -4.23 3.37
C SER A 355 2.69 -3.82 4.37
N HIS A 356 1.57 -4.56 4.45
CA HIS A 356 1.19 -5.65 3.54
C HIS A 356 -0.14 -5.32 2.86
N TYR A 357 -0.26 -4.11 2.36
CA TYR A 357 -1.51 -3.56 1.83
C TYR A 357 -1.16 -2.25 1.17
N PRO A 358 -1.96 -1.81 0.20
CA PRO A 358 -1.70 -0.49 -0.38
C PRO A 358 -1.86 0.57 0.69
N TYR A 359 -1.01 1.59 0.63
CA TYR A 359 -1.02 2.63 1.65
C TYR A 359 -1.93 3.78 1.21
N ALA A 360 -2.15 4.72 2.12
CA ALA A 360 -2.85 5.95 1.77
C ALA A 360 -2.12 6.65 0.62
N GLU A 361 -2.90 7.21 -0.31
CA GLU A 361 -2.32 7.89 -1.46
C GLU A 361 -1.28 8.93 -1.05
N GLU A 362 -1.51 9.62 0.07
CA GLU A 362 -0.63 10.71 0.49
C GLU A 362 0.81 10.25 0.69
N ILE A 363 1.02 8.99 1.10
CA ILE A 363 2.38 8.49 1.26
C ILE A 363 3.10 8.37 -0.10
N TYR A 364 2.37 7.94 -1.15
CA TYR A 364 2.97 7.88 -2.48
C TYR A 364 3.26 9.27 -3.01
N GLN A 365 2.34 10.20 -2.74
CA GLN A 365 2.56 11.58 -3.18
C GLN A 365 3.83 12.15 -2.58
N MET A 366 4.10 11.82 -1.30
CA MET A 366 5.32 12.30 -0.68
C MET A 366 6.55 11.59 -1.26
N ALA A 367 6.45 10.27 -1.47
CA ALA A 367 7.52 9.57 -2.18
C ALA A 367 7.78 10.20 -3.54
N ASP A 368 6.71 10.59 -4.25
CA ASP A 368 6.88 11.28 -5.53
C ASP A 368 7.75 12.53 -5.38
N GLU A 369 7.56 13.26 -4.28
CA GLU A 369 8.28 14.53 -4.09
C GLU A 369 9.67 14.32 -3.53
N GLU A 370 9.87 13.30 -2.70
CA GLU A 370 11.19 13.05 -2.13
C GLU A 370 12.06 12.13 -2.97
N GLY A 371 11.56 11.61 -4.08
CA GLY A 371 12.35 10.72 -4.91
C GLY A 371 12.65 9.38 -4.25
N PHE A 372 11.62 8.72 -3.73
CA PHE A 372 11.72 7.39 -3.15
C PHE A 372 11.08 6.37 -4.07
N LEU A 373 11.64 5.16 -4.09
CA LEU A 373 11.10 4.06 -4.88
C LEU A 373 10.19 3.21 -4.02
N ILE A 374 9.05 2.82 -4.58
CA ILE A 374 8.04 2.05 -3.86
C ILE A 374 7.79 0.74 -4.60
N ILE A 375 7.81 -0.37 -3.84
CA ILE A 375 7.23 -1.63 -4.27
C ILE A 375 5.82 -1.71 -3.70
N ASP A 376 4.83 -1.69 -4.57
CA ASP A 376 3.42 -1.56 -4.19
C ASP A 376 2.83 -2.95 -4.02
N GLU A 377 2.24 -3.19 -2.84
CA GLU A 377 1.82 -4.53 -2.46
C GLU A 377 0.34 -4.58 -2.13
N VAL A 378 -0.33 -5.59 -2.69
CA VAL A 378 -1.75 -5.85 -2.47
C VAL A 378 -1.91 -6.67 -1.18
N PRO A 379 -3.05 -6.62 -0.46
CA PRO A 379 -3.09 -7.31 0.85
C PRO A 379 -3.19 -8.83 0.79
N ALA A 380 -2.45 -9.46 -0.13
CA ALA A 380 -2.48 -10.91 -0.30
C ALA A 380 -1.50 -11.57 0.67
N VAL A 381 -1.86 -11.49 1.95
CA VAL A 381 -1.02 -12.00 3.01
C VAL A 381 -1.90 -12.89 3.89
N GLY A 382 -1.28 -13.90 4.49
CA GLY A 382 -2.01 -14.89 5.26
C GLY A 382 -2.43 -16.13 4.49
N PHE A 383 -1.92 -16.33 3.26
CA PHE A 383 -2.33 -17.46 2.42
C PHE A 383 -1.54 -18.71 2.81
N MET A 384 -1.68 -19.10 4.08
CA MET A 384 -0.81 -20.09 4.72
C MET A 384 -1.38 -20.45 6.09
N GLN A 401 -4.05 -30.38 3.87
CA GLN A 401 -4.04 -29.86 2.50
C GLN A 401 -3.40 -28.46 2.36
N GLY A 402 -2.85 -28.20 1.17
CA GLY A 402 -2.25 -26.91 0.90
C GLY A 402 -3.27 -25.80 0.77
N PHE A 403 -2.81 -24.58 1.03
CA PHE A 403 -3.73 -23.44 1.06
C PHE A 403 -4.45 -23.27 -0.28
N PHE A 404 -3.76 -23.54 -1.38
CA PHE A 404 -4.34 -23.32 -2.70
C PHE A 404 -5.13 -24.52 -3.23
N GLU A 405 -5.37 -25.53 -2.40
CA GLU A 405 -6.32 -26.59 -2.74
C GLU A 405 -7.69 -26.36 -2.14
N LYS A 406 -7.86 -25.32 -1.32
CA LYS A 406 -9.14 -25.14 -0.64
C LYS A 406 -10.24 -24.93 -1.66
N GLU A 407 -11.43 -25.44 -1.32
CA GLU A 407 -12.62 -25.18 -2.13
C GLU A 407 -12.86 -23.69 -2.33
N THR A 408 -12.45 -22.85 -1.39
CA THR A 408 -12.78 -21.44 -1.43
C THR A 408 -11.82 -20.64 -2.30
N THR A 409 -10.78 -21.27 -2.83
CA THR A 409 -9.78 -20.59 -3.66
C THR A 409 -10.36 -19.76 -4.81
N PRO A 410 -11.38 -20.21 -5.56
CA PRO A 410 -11.89 -19.35 -6.64
C PRO A 410 -12.44 -18.02 -6.13
N ALA A 411 -13.12 -18.04 -4.97
CA ALA A 411 -13.62 -16.80 -4.39
C ALA A 411 -12.47 -15.91 -3.93
N LEU A 412 -11.45 -16.50 -3.28
CA LEU A 412 -10.28 -15.73 -2.90
C LEU A 412 -9.63 -15.06 -4.11
N LEU A 413 -9.43 -15.84 -5.18
CA LEU A 413 -8.78 -15.29 -6.37
C LEU A 413 -9.57 -14.11 -6.93
N LYS A 414 -10.91 -14.20 -6.91
CA LYS A 414 -11.74 -13.10 -7.38
C LYS A 414 -11.46 -11.80 -6.61
N ASN A 415 -11.42 -11.89 -5.27
CA ASN A 415 -11.10 -10.71 -4.47
C ASN A 415 -9.66 -10.26 -4.70
N HIS A 416 -8.74 -11.20 -4.90
CA HIS A 416 -7.35 -10.85 -5.16
C HIS A 416 -7.22 -10.09 -6.49
N LYS A 417 -7.92 -10.54 -7.52
CA LYS A 417 -7.89 -9.86 -8.81
C LYS A 417 -8.44 -8.44 -8.67
N ALA A 418 -9.54 -8.28 -7.93
CA ALA A 418 -10.14 -6.95 -7.75
C ALA A 418 -9.19 -6.00 -7.04
N ALA A 419 -8.62 -6.46 -5.91
CA ALA A 419 -7.63 -5.65 -5.19
C ALA A 419 -6.47 -5.28 -6.09
N LEU A 420 -5.95 -6.24 -6.85
CA LEU A 420 -4.83 -5.97 -7.75
C LEU A 420 -5.21 -4.95 -8.80
N THR A 421 -6.42 -5.08 -9.36
CA THR A 421 -6.86 -4.16 -10.38
C THR A 421 -6.97 -2.74 -9.82
N ASP A 422 -7.59 -2.62 -8.65
CA ASP A 422 -7.75 -1.31 -8.02
C ASP A 422 -6.41 -0.72 -7.63
N MET A 423 -5.51 -1.55 -7.10
CA MET A 423 -4.20 -1.02 -6.70
C MET A 423 -3.45 -0.47 -7.92
N ILE A 424 -3.42 -1.23 -9.02
CA ILE A 424 -2.66 -0.76 -10.17
C ILE A 424 -3.34 0.45 -10.82
N ASP A 425 -4.67 0.44 -10.92
CA ASP A 425 -5.37 1.62 -11.43
C ASP A 425 -5.12 2.86 -10.57
N ARG A 426 -5.13 2.70 -9.24
CA ARG A 426 -4.93 3.86 -8.36
C ARG A 426 -3.50 4.40 -8.45
N ASP A 427 -2.51 3.52 -8.58
CA ASP A 427 -1.12 3.89 -8.32
C ASP A 427 -0.25 3.97 -9.55
N LYS A 428 -0.78 3.68 -10.74
CA LYS A 428 0.09 3.47 -11.90
C LYS A 428 0.80 4.75 -12.34
N ASN A 429 0.30 5.94 -11.99
CA ASN A 429 0.93 7.16 -12.49
C ASN A 429 1.91 7.78 -11.50
N HIS A 430 2.17 7.15 -10.37
CA HIS A 430 3.18 7.66 -9.44
C HIS A 430 4.56 7.37 -10.00
N PRO A 431 5.42 8.37 -10.18
CA PRO A 431 6.80 8.04 -10.55
C PRO A 431 7.48 7.18 -9.50
N SER A 432 7.10 7.32 -8.23
CA SER A 432 7.74 6.55 -7.15
C SER A 432 7.48 5.05 -7.28
N VAL A 433 6.34 4.65 -7.84
CA VAL A 433 5.94 3.24 -7.88
C VAL A 433 6.65 2.54 -9.04
N ILE A 434 7.54 1.59 -8.71
CA ILE A 434 8.37 0.94 -9.73
C ILE A 434 8.17 -0.57 -9.80
N ALA A 435 7.35 -1.16 -8.93
CA ALA A 435 7.19 -2.61 -8.95
C ALA A 435 5.94 -2.98 -8.18
N TRP A 436 5.41 -4.18 -8.49
CA TRP A 436 4.20 -4.73 -7.88
C TRP A 436 4.55 -5.99 -7.12
N SER A 437 4.12 -6.07 -5.87
CA SER A 437 4.25 -7.30 -5.10
C SER A 437 2.88 -7.92 -4.96
N LEU A 438 2.70 -9.15 -5.44
CA LEU A 438 1.36 -9.70 -5.63
C LEU A 438 0.88 -10.56 -4.47
N LEU A 439 1.80 -11.05 -3.63
CA LEU A 439 1.48 -11.86 -2.46
C LEU A 439 2.61 -11.68 -1.46
N ASN A 440 2.28 -11.80 -0.17
CA ASN A 440 3.30 -11.82 0.88
C ASN A 440 3.26 -13.18 1.56
N GLU A 441 4.34 -13.93 1.40
CA GLU A 441 4.51 -15.23 2.05
C GLU A 441 3.34 -16.19 1.83
N PRO A 442 2.96 -16.44 0.57
CA PRO A 442 1.97 -17.48 0.32
C PRO A 442 2.62 -18.85 0.46
N GLN A 443 1.79 -19.85 0.73
CA GLN A 443 2.27 -21.23 0.79
C GLN A 443 2.49 -21.72 -0.65
N CYS A 444 3.57 -21.24 -1.28
CA CYS A 444 3.80 -21.47 -2.70
C CYS A 444 4.44 -22.82 -3.01
N THR A 445 4.51 -23.71 -2.01
CA THR A 445 4.74 -25.12 -2.21
C THR A 445 3.44 -25.89 -2.30
N SER A 446 2.32 -25.23 -2.06
CA SER A 446 1.03 -25.90 -2.06
C SER A 446 0.69 -26.37 -3.47
N ALA A 447 0.04 -27.53 -3.55
CA ALA A 447 -0.61 -27.90 -4.81
C ALA A 447 -1.62 -26.82 -5.16
N GLY A 448 -1.73 -26.51 -6.46
CA GLY A 448 -2.61 -25.46 -6.91
C GLY A 448 -1.98 -24.08 -6.95
N THR A 449 -0.71 -23.95 -6.58
CA THR A 449 -0.03 -22.65 -6.61
C THR A 449 -0.02 -22.09 -8.02
N GLU A 450 0.39 -22.92 -9.00
CA GLU A 450 0.53 -22.43 -10.37
C GLU A 450 -0.82 -21.97 -10.93
N GLU A 451 -1.88 -22.74 -10.69
CA GLU A 451 -3.20 -22.33 -11.17
C GLU A 451 -3.62 -21.00 -10.56
N TYR A 452 -3.15 -20.70 -9.34
CA TYR A 452 -3.48 -19.44 -8.69
C TYR A 452 -2.59 -18.31 -9.20
N PHE A 453 -1.27 -18.55 -9.25
CA PHE A 453 -0.32 -17.47 -9.58
C PHE A 453 -0.45 -17.03 -11.04
N LYS A 454 -0.66 -17.99 -11.95
CA LYS A 454 -0.55 -17.67 -13.38
C LYS A 454 -1.51 -16.56 -13.79
N PRO A 455 -2.82 -16.64 -13.52
CA PRO A 455 -3.68 -15.52 -13.90
C PRO A 455 -3.37 -14.23 -13.16
N LEU A 456 -2.85 -14.30 -11.92
CA LEU A 456 -2.55 -13.08 -11.19
C LEU A 456 -1.40 -12.32 -11.82
N PHE A 457 -0.32 -13.02 -12.14
CA PHE A 457 0.81 -12.36 -12.76
C PHE A 457 0.47 -11.90 -14.17
N GLU A 458 -0.43 -12.60 -14.86
CA GLU A 458 -0.85 -12.13 -16.18
C GLU A 458 -1.66 -10.84 -16.06
N LEU A 459 -2.59 -10.80 -15.10
CA LEU A 459 -3.36 -9.58 -14.86
C LEU A 459 -2.45 -8.39 -14.56
N ALA A 460 -1.43 -8.58 -13.71
CA ALA A 460 -0.54 -7.48 -13.36
C ALA A 460 0.21 -6.97 -14.56
N ARG A 461 0.58 -7.86 -15.49
CA ARG A 461 1.19 -7.43 -16.73
C ARG A 461 0.20 -6.62 -17.57
N ARG A 462 -1.01 -7.13 -17.74
CA ARG A 462 -2.01 -6.47 -18.59
C ARG A 462 -2.39 -5.10 -18.05
N LEU A 463 -2.54 -4.97 -16.72
CA LEU A 463 -3.06 -3.73 -16.15
C LEU A 463 -2.08 -2.58 -16.23
N ASP A 464 -0.78 -2.87 -16.25
CA ASP A 464 0.19 -1.81 -16.08
C ASP A 464 0.69 -1.32 -17.43
N PRO A 465 0.34 -0.11 -17.86
CA PRO A 465 0.88 0.41 -19.12
C PRO A 465 2.38 0.49 -19.13
N GLN A 466 3.01 0.59 -17.97
CA GLN A 466 4.46 0.73 -17.93
C GLN A 466 5.17 -0.61 -17.79
N LYS A 467 4.43 -1.70 -17.58
CA LYS A 467 5.01 -3.05 -17.56
C LYS A 467 6.13 -3.14 -16.53
N ARG A 468 5.84 -2.63 -15.32
CA ARG A 468 6.81 -2.65 -14.24
C ARG A 468 6.97 -4.07 -13.70
N PRO A 469 8.14 -4.40 -13.17
CA PRO A 469 8.41 -5.78 -12.74
C PRO A 469 7.48 -6.25 -11.62
N ARG A 470 7.19 -7.56 -11.62
CA ARG A 470 6.29 -8.19 -10.66
C ARG A 470 7.06 -9.15 -9.76
N THR A 471 6.66 -9.22 -8.49
CA THR A 471 7.32 -10.06 -7.51
C THR A 471 6.27 -10.52 -6.49
N TYR A 472 6.72 -11.35 -5.56
CA TYR A 472 5.95 -11.71 -4.37
C TYR A 472 6.98 -12.19 -3.37
N THR A 473 6.66 -12.12 -2.08
CA THR A 473 7.70 -12.43 -1.11
C THR A 473 7.62 -13.89 -0.70
N VAL A 474 8.78 -14.53 -0.60
CA VAL A 474 8.88 -15.97 -0.47
C VAL A 474 9.02 -16.34 1.00
N LEU A 475 8.14 -17.20 1.48
CA LEU A 475 8.17 -17.79 2.80
C LEU A 475 9.47 -18.57 3.02
N MET A 476 9.85 -18.73 4.29
CA MET A 476 11.10 -19.42 4.61
C MET A 476 11.02 -20.91 4.32
N THR A 477 9.82 -21.49 4.38
CA THR A 477 9.59 -22.89 4.05
C THR A 477 9.46 -23.15 2.56
N SER A 478 9.54 -22.13 1.70
CA SER A 478 9.55 -22.32 0.26
C SER A 478 10.97 -22.14 -0.24
N LEU A 479 11.58 -23.23 -0.68
CA LEU A 479 13.01 -23.29 -1.01
C LEU A 479 13.19 -23.17 -2.52
N PRO A 480 14.41 -22.91 -2.98
CA PRO A 480 14.63 -22.77 -4.43
C PRO A 480 14.09 -23.94 -5.25
N ASP A 481 14.16 -25.15 -4.70
CA ASP A 481 13.84 -26.37 -5.40
C ASP A 481 12.43 -26.87 -5.13
N THR A 482 11.72 -26.29 -4.15
CA THR A 482 10.35 -26.70 -3.86
C THR A 482 9.30 -25.64 -4.16
N SER A 483 9.69 -24.38 -4.32
CA SER A 483 8.70 -23.32 -4.56
C SER A 483 8.10 -23.49 -5.95
N LYS A 484 6.78 -23.68 -5.99
CA LYS A 484 6.07 -23.72 -7.27
C LYS A 484 5.76 -22.33 -7.81
N GLY A 485 5.96 -21.28 -7.02
CA GLY A 485 5.60 -19.96 -7.47
C GLY A 485 6.75 -19.12 -7.96
N GLN A 486 7.99 -19.42 -7.56
CA GLN A 486 9.07 -18.48 -7.82
C GLN A 486 9.25 -18.23 -9.31
N ARG A 487 8.96 -19.21 -10.17
CA ARG A 487 9.23 -19.03 -11.60
C ARG A 487 8.39 -17.93 -12.22
N PHE A 488 7.29 -17.52 -11.57
CA PHE A 488 6.44 -16.44 -12.12
C PHE A 488 7.01 -15.05 -11.87
N ALA A 489 7.94 -14.90 -10.93
CA ALA A 489 8.41 -13.58 -10.51
C ALA A 489 9.45 -13.02 -11.46
N ASP A 490 9.35 -11.72 -11.76
CA ASP A 490 10.37 -11.04 -12.57
C ASP A 490 11.63 -10.78 -11.76
N PHE A 491 11.50 -10.68 -10.44
CA PHE A 491 12.65 -10.68 -9.55
C PHE A 491 12.15 -11.34 -8.28
N VAL A 492 13.05 -12.03 -7.62
CA VAL A 492 12.67 -12.81 -6.45
C VAL A 492 12.86 -11.95 -5.20
N SER A 493 11.89 -12.02 -4.28
CA SER A 493 11.92 -11.32 -3.00
C SER A 493 11.88 -12.34 -1.88
N LEU A 494 12.91 -12.36 -1.04
CA LEU A 494 12.98 -13.35 0.04
C LEU A 494 12.75 -12.68 1.38
N ASN A 495 11.98 -13.36 2.23
CA ASN A 495 11.87 -13.04 3.65
C ASN A 495 12.66 -14.11 4.40
N ARG A 496 13.83 -13.74 4.93
CA ARG A 496 14.71 -14.72 5.55
C ARG A 496 15.16 -14.26 6.93
N TYR A 497 15.21 -15.21 7.87
CA TYR A 497 15.49 -14.95 9.27
C TYR A 497 16.50 -15.97 9.80
N TYR A 498 17.56 -16.22 9.02
CA TYR A 498 18.66 -17.06 9.47
C TYR A 498 19.39 -16.36 10.62
N GLY A 499 19.28 -16.91 11.81
CA GLY A 499 19.87 -16.30 12.99
C GLY A 499 18.85 -15.70 13.92
N TRP A 500 17.57 -15.69 13.54
CA TRP A 500 16.50 -15.35 14.45
C TRP A 500 15.54 -16.52 14.63
N TYR A 501 14.60 -16.72 13.68
CA TYR A 501 13.66 -17.83 13.81
C TYR A 501 14.33 -19.17 13.59
N VAL A 502 15.45 -19.20 12.87
CA VAL A 502 16.10 -20.42 12.43
C VAL A 502 17.56 -20.32 12.85
N LEU A 503 17.99 -21.22 13.76
CA LEU A 503 19.38 -21.34 14.16
C LEU A 503 19.88 -20.09 14.88
N GLY A 504 19.06 -19.54 15.76
CA GLY A 504 19.43 -18.34 16.49
C GLY A 504 20.20 -18.66 17.77
N GLY A 505 21.05 -17.71 18.17
CA GLY A 505 21.68 -17.75 19.48
C GLY A 505 23.18 -17.76 19.45
N ALA A 506 23.80 -18.63 20.27
CA ALA A 506 25.23 -18.81 20.19
C ALA A 506 25.65 -19.33 18.82
N GLY A 507 24.81 -20.12 18.17
CA GLY A 507 25.12 -20.67 16.86
C GLY A 507 24.87 -19.75 15.68
N LEU A 508 25.43 -18.53 15.71
CA LEU A 508 25.26 -17.63 14.56
C LEU A 508 26.02 -18.12 13.34
N ALA A 509 27.11 -18.87 13.51
CA ALA A 509 27.85 -19.33 12.34
C ALA A 509 27.17 -20.51 11.66
N ASP A 510 26.41 -21.32 12.39
CA ASP A 510 25.58 -22.32 11.75
C ASP A 510 24.51 -21.66 10.88
N ALA A 511 23.90 -20.59 11.39
CA ALA A 511 22.92 -19.86 10.59
C ALA A 511 23.56 -19.34 9.30
N GLU A 512 24.76 -18.78 9.38
CA GLU A 512 25.41 -18.24 8.19
C GLU A 512 25.62 -19.33 7.13
N ALA A 513 26.05 -20.53 7.54
CA ALA A 513 26.30 -21.59 6.56
C ALA A 513 24.99 -22.13 5.97
N ALA A 514 23.95 -22.25 6.79
CA ALA A 514 22.67 -22.66 6.24
C ALA A 514 22.16 -21.63 5.25
N PHE A 515 22.43 -20.35 5.53
CA PHE A 515 21.97 -19.27 4.66
C PHE A 515 22.70 -19.34 3.32
N HIS A 516 24.03 -19.44 3.35
CA HIS A 516 24.81 -19.64 2.12
C HIS A 516 24.34 -20.88 1.37
N HIS A 517 23.99 -21.94 2.09
CA HIS A 517 23.51 -23.14 1.43
C HIS A 517 22.26 -22.84 0.59
N GLU A 518 21.26 -22.17 1.19
CA GLU A 518 20.05 -21.85 0.43
C GLU A 518 20.35 -20.88 -0.70
N MET A 519 21.21 -19.90 -0.47
CA MET A 519 21.50 -18.94 -1.54
C MET A 519 22.14 -19.62 -2.74
N ASP A 520 22.97 -20.65 -2.51
CA ASP A 520 23.52 -21.40 -3.64
C ASP A 520 22.41 -22.04 -4.46
N GLY A 521 21.33 -22.48 -3.79
CA GLY A 521 20.16 -22.95 -4.52
C GLY A 521 19.49 -21.85 -5.34
N TRP A 522 19.28 -20.68 -4.74
CA TRP A 522 18.67 -19.57 -5.47
C TRP A 522 19.52 -19.16 -6.67
N ALA A 523 20.85 -19.23 -6.52
CA ALA A 523 21.72 -18.92 -7.66
C ALA A 523 21.43 -19.82 -8.84
N LYS A 524 20.98 -21.05 -8.58
CA LYS A 524 20.75 -22.02 -9.64
C LYS A 524 19.42 -21.82 -10.33
N VAL A 525 18.41 -21.27 -9.64
CA VAL A 525 17.07 -21.16 -10.22
C VAL A 525 16.75 -19.77 -10.75
N LEU A 526 17.61 -18.77 -10.53
CA LEU A 526 17.26 -17.38 -10.85
C LEU A 526 17.37 -17.07 -12.33
N HIS A 527 18.38 -17.63 -13.00
CA HIS A 527 18.58 -17.46 -14.44
C HIS A 527 18.59 -15.98 -14.84
N GLY A 528 19.50 -15.23 -14.21
CA GLY A 528 19.71 -13.84 -14.53
C GLY A 528 18.88 -12.85 -13.73
N ARG A 529 17.78 -13.30 -13.12
CA ARG A 529 16.87 -12.39 -12.43
C ARG A 529 17.51 -11.78 -11.18
N PRO A 530 17.26 -10.50 -10.91
CA PRO A 530 17.64 -9.94 -9.59
C PRO A 530 16.91 -10.66 -8.47
N LEU A 531 17.59 -10.74 -7.33
CA LEU A 531 16.97 -11.15 -6.07
C LEU A 531 17.13 -10.01 -5.08
N ILE A 532 16.09 -9.76 -4.30
CA ILE A 532 16.17 -8.81 -3.21
C ILE A 532 15.64 -9.49 -1.95
N PHE A 533 16.03 -8.92 -0.81
CA PHE A 533 15.47 -9.33 0.46
C PHE A 533 14.42 -8.31 0.88
N THR A 534 13.24 -8.80 1.17
CA THR A 534 12.15 -7.94 1.59
C THR A 534 11.86 -8.06 3.09
N GLU A 535 12.41 -9.05 3.78
CA GLU A 535 12.37 -9.08 5.23
C GLU A 535 13.60 -9.78 5.76
N TYR A 536 14.04 -9.33 6.93
CA TYR A 536 15.10 -9.88 7.77
C TYR A 536 15.26 -8.92 8.95
N GLY A 537 15.75 -9.46 10.07
CA GLY A 537 15.90 -8.67 11.27
C GLY A 537 15.64 -9.46 12.55
N THR A 538 15.82 -8.80 13.70
CA THR A 538 15.59 -9.46 14.99
C THR A 538 14.84 -8.49 15.88
N ASP A 539 14.00 -9.05 16.75
CA ASP A 539 13.39 -8.23 17.76
C ASP A 539 14.47 -7.75 18.71
N ASN A 540 14.46 -6.45 19.02
CA ASN A 540 15.38 -5.95 20.02
C ASN A 540 14.76 -4.69 20.62
N LEU A 541 14.78 -4.61 21.95
CA LEU A 541 14.24 -3.45 22.66
C LEU A 541 15.26 -2.34 22.72
N SER A 542 14.80 -1.11 22.50
CA SER A 542 15.60 0.07 22.75
C SER A 542 16.21 0.00 24.17
N GLY A 543 17.53 0.08 24.25
CA GLY A 543 18.22 0.09 25.52
C GLY A 543 18.66 -1.24 26.07
N ALA A 544 18.27 -2.34 25.42
CA ALA A 544 18.69 -3.67 25.86
C ALA A 544 20.11 -3.91 25.35
N HIS A 545 21.09 -3.77 26.23
CA HIS A 545 22.47 -4.01 25.87
C HIS A 545 22.99 -5.21 26.65
N LYS A 546 23.79 -6.03 26.00
CA LYS A 546 24.44 -7.10 26.73
C LYS A 546 25.76 -7.43 26.03
N LEU A 547 26.78 -7.66 26.84
CA LEU A 547 28.11 -7.99 26.33
C LEU A 547 28.61 -9.22 27.06
N PRO A 548 28.74 -10.38 26.39
CA PRO A 548 28.43 -10.59 24.97
C PRO A 548 26.91 -10.67 24.72
N SER A 549 26.51 -10.74 23.45
CA SER A 549 25.11 -10.50 23.10
C SER A 549 24.22 -11.65 23.55
N VAL A 550 22.94 -11.33 23.71
CA VAL A 550 21.84 -12.30 23.74
C VAL A 550 20.78 -11.84 22.76
N MET A 551 20.10 -12.81 22.15
CA MET A 551 18.93 -12.49 21.35
C MET A 551 18.03 -11.54 22.13
N TRP A 552 17.57 -10.48 21.44
CA TRP A 552 16.76 -9.37 21.93
C TRP A 552 17.59 -8.13 22.31
N SER A 553 18.91 -8.23 22.33
CA SER A 553 19.80 -7.11 22.65
C SER A 553 20.22 -6.34 21.40
N ALA A 554 20.63 -5.09 21.62
CA ALA A 554 21.17 -4.27 20.53
C ALA A 554 22.38 -4.94 19.89
N GLU A 555 23.24 -5.53 20.73
CA GLU A 555 24.44 -6.19 20.23
C GLU A 555 24.07 -7.33 19.29
N TYR A 556 23.11 -8.17 19.68
CA TYR A 556 22.73 -9.28 18.83
C TYR A 556 22.23 -8.77 17.49
N GLN A 557 21.33 -7.78 17.51
CA GLN A 557 20.81 -7.23 16.27
C GLN A 557 21.95 -6.76 15.36
N ASN A 558 22.90 -6.01 15.92
CA ASN A 558 24.03 -5.56 15.11
C ASN A 558 24.85 -6.73 14.59
N GLU A 559 25.06 -7.76 15.41
CA GLU A 559 25.83 -8.93 14.98
C GLU A 559 25.10 -9.68 13.87
N TYR A 560 23.79 -9.84 14.04
CA TYR A 560 22.97 -10.51 13.04
C TYR A 560 22.98 -9.75 11.73
N LEU A 561 22.86 -8.42 11.80
CA LEU A 561 22.84 -7.62 10.58
C LEU A 561 24.17 -7.71 9.83
N GLU A 562 25.28 -7.68 10.57
CA GLU A 562 26.58 -7.75 9.92
C GLU A 562 26.77 -9.10 9.24
N MET A 563 26.36 -10.18 9.90
CA MET A 563 26.43 -11.49 9.27
C MET A 563 25.53 -11.52 8.03
N THR A 564 24.27 -11.07 8.19
CA THR A 564 23.31 -11.11 7.11
C THR A 564 23.82 -10.32 5.90
N HIS A 565 24.38 -9.14 6.12
CA HIS A 565 24.82 -8.33 5.00
C HIS A 565 26.04 -8.94 4.32
N ALA A 566 26.89 -9.63 5.08
CA ALA A 566 28.02 -10.33 4.47
C ALA A 566 27.53 -11.42 3.53
N VAL A 567 26.46 -12.13 3.91
CA VAL A 567 25.84 -13.06 2.97
C VAL A 567 25.33 -12.31 1.73
N PHE A 568 24.52 -11.25 1.94
CA PHE A 568 24.00 -10.46 0.83
C PHE A 568 25.12 -10.09 -0.12
N ASP A 569 26.20 -9.53 0.45
CA ASP A 569 27.25 -8.93 -0.34
C ASP A 569 28.05 -9.97 -1.12
N HIS A 570 27.94 -11.23 -0.74
CA HIS A 570 28.66 -12.31 -1.41
C HIS A 570 28.12 -12.61 -2.81
N TYR A 571 26.86 -12.31 -3.11
CA TYR A 571 26.19 -12.80 -4.31
C TYR A 571 25.86 -11.64 -5.25
N ASP A 572 26.35 -11.72 -6.49
CA ASP A 572 26.17 -10.63 -7.44
C ASP A 572 24.71 -10.41 -7.80
N PHE A 573 23.86 -11.43 -7.62
CA PHE A 573 22.46 -11.30 -8.00
C PHE A 573 21.60 -10.63 -6.92
N VAL A 574 22.12 -10.44 -5.71
CA VAL A 574 21.36 -9.73 -4.68
C VAL A 574 21.42 -8.25 -5.00
N GLN A 575 20.26 -7.68 -5.36
CA GLN A 575 20.24 -6.30 -5.84
C GLN A 575 19.41 -5.38 -4.96
N GLY A 576 19.04 -5.82 -3.77
CA GLY A 576 18.29 -4.96 -2.89
C GLY A 576 18.14 -5.55 -1.50
N GLU A 577 18.11 -4.69 -0.49
CA GLU A 577 17.88 -5.10 0.90
C GLU A 577 16.84 -4.18 1.49
N LEU A 578 15.69 -4.74 1.84
CA LEU A 578 14.64 -4.00 2.53
C LEU A 578 14.47 -4.75 3.84
N VAL A 579 14.82 -4.09 4.93
CA VAL A 579 14.87 -4.76 6.23
C VAL A 579 13.50 -4.67 6.87
N TRP A 580 13.18 -5.66 7.70
CA TRP A 580 11.97 -5.64 8.52
C TRP A 580 12.33 -5.15 9.92
N ASN A 581 11.73 -4.05 10.39
CA ASN A 581 10.74 -3.21 9.72
C ASN A 581 11.21 -1.77 10.00
N PHE A 582 10.68 -0.77 9.28
CA PHE A 582 11.02 0.62 9.57
C PHE A 582 10.84 0.95 11.06
N ALA A 583 9.74 0.53 11.67
CA ALA A 583 9.48 0.91 13.05
C ALA A 583 8.70 -0.19 13.77
N ASP A 584 8.89 -0.26 15.09
CA ASP A 584 8.07 -1.14 15.91
C ASP A 584 6.60 -0.88 15.63
N PHE A 585 5.81 -1.96 15.56
CA PHE A 585 4.42 -1.86 15.17
C PHE A 585 3.62 -2.90 15.94
N GLN A 586 2.30 -2.72 15.93
CA GLN A 586 1.41 -3.53 16.74
C GLN A 586 1.03 -4.83 16.04
N THR A 587 1.04 -5.91 16.81
CA THR A 587 0.58 -7.25 16.42
C THR A 587 -0.50 -7.68 17.38
N THR A 588 -1.09 -8.84 17.11
CA THR A 588 -1.96 -9.46 18.11
C THR A 588 -1.13 -9.87 19.33
N GLU A 589 -1.82 -10.10 20.44
CA GLU A 589 -1.15 -10.50 21.67
C GLU A 589 -0.56 -11.91 21.52
N GLY A 590 0.58 -12.15 22.16
CA GLY A 590 1.18 -13.48 22.19
C GLY A 590 2.47 -13.48 22.99
N ILE A 591 2.89 -14.68 23.37
CA ILE A 591 4.11 -14.75 24.18
C ILE A 591 5.33 -14.35 23.36
N LEU A 592 5.24 -14.40 22.03
CA LEU A 592 6.38 -14.03 21.18
C LEU A 592 6.48 -12.54 20.90
N ARG A 593 5.50 -11.75 21.35
CA ARG A 593 5.34 -10.37 20.92
C ARG A 593 5.34 -9.47 22.16
N VAL A 594 6.45 -8.78 22.38
CA VAL A 594 6.59 -7.91 23.54
C VAL A 594 5.93 -6.57 23.22
N ASP A 595 4.61 -6.49 23.43
CA ASP A 595 3.79 -5.36 23.00
C ASP A 595 4.03 -5.05 21.51
N GLY A 596 3.60 -6.00 20.68
CA GLY A 596 3.78 -5.85 19.26
C GLY A 596 5.14 -6.35 18.81
N ASN A 597 5.49 -5.97 17.60
CA ASN A 597 6.69 -6.44 16.92
C ASN A 597 7.80 -5.46 17.19
N LYS A 598 8.98 -5.97 17.57
CA LYS A 598 10.08 -5.12 18.00
C LYS A 598 11.29 -5.23 17.08
N LYS A 599 11.06 -5.52 15.81
CA LYS A 599 12.12 -5.51 14.82
C LYS A 599 12.33 -4.13 14.19
N GLY A 600 11.68 -3.09 14.74
CA GLY A 600 11.84 -1.77 14.17
C GLY A 600 13.29 -1.33 14.13
N ILE A 601 13.67 -0.66 13.04
CA ILE A 601 14.93 0.06 13.04
C ILE A 601 14.77 1.37 13.83
N PHE A 602 13.56 1.93 13.85
CA PHE A 602 13.17 3.02 14.73
C PHE A 602 12.11 2.53 15.69
N THR A 603 11.99 3.23 16.84
CA THR A 603 10.89 2.96 17.74
C THR A 603 9.57 3.38 17.08
N ARG A 604 8.47 2.95 17.69
CA ARG A 604 7.16 3.34 17.19
C ARG A 604 6.94 4.86 17.32
N GLN A 605 7.61 5.51 18.26
CA GLN A 605 7.61 6.95 18.45
C GLN A 605 8.59 7.65 17.51
N ARG A 606 9.22 6.90 16.62
CA ARG A 606 9.99 7.45 15.52
C ARG A 606 11.32 8.01 15.97
N GLN A 607 11.97 7.30 16.90
CA GLN A 607 13.35 7.63 17.23
C GLN A 607 14.25 6.45 16.90
N PRO A 608 15.53 6.70 16.61
CA PRO A 608 16.39 5.59 16.16
C PRO A 608 16.71 4.62 17.29
N LYS A 609 16.78 3.34 16.93
CA LYS A 609 17.48 2.35 17.73
C LYS A 609 18.92 2.25 17.23
N ASP A 610 19.73 1.48 17.95
CA ASP A 610 21.15 1.40 17.61
C ASP A 610 21.34 0.92 16.16
N ALA A 611 20.47 0.02 15.68
CA ALA A 611 20.62 -0.48 14.31
C ALA A 611 20.45 0.61 13.24
N ALA A 612 19.73 1.70 13.55
CA ALA A 612 19.59 2.79 12.58
C ALA A 612 20.95 3.36 12.21
N TYR A 613 21.91 3.37 13.14
CA TYR A 613 23.24 3.90 12.85
C TYR A 613 24.08 2.94 12.03
N LEU A 614 23.92 1.63 12.23
CA LEU A 614 24.55 0.66 11.34
C LEU A 614 24.07 0.87 9.90
N PHE A 615 22.75 0.98 9.71
CA PHE A 615 22.21 1.10 8.36
C PHE A 615 22.59 2.42 7.74
N ARG A 616 22.60 3.51 8.53
CA ARG A 616 22.93 4.81 7.99
C ARG A 616 24.34 4.83 7.43
N LYS A 617 25.30 4.30 8.19
CA LYS A 617 26.67 4.24 7.70
C LYS A 617 26.76 3.35 6.46
N ARG A 618 26.09 2.20 6.48
CA ARG A 618 26.15 1.30 5.32
C ARG A 618 25.48 1.92 4.10
N TRP A 619 24.23 2.38 4.26
CA TRP A 619 23.43 2.77 3.11
C TRP A 619 23.93 4.05 2.46
N THR A 620 24.50 4.96 3.24
CA THR A 620 25.09 6.18 2.68
C THR A 620 26.50 5.95 2.18
N THR A 621 27.13 4.84 2.53
CA THR A 621 28.44 4.49 1.99
C THR A 621 28.33 3.67 0.70
N LEU A 622 27.38 2.74 0.62
CA LEU A 622 27.20 2.00 -0.62
C LEU A 622 26.85 2.95 -1.77
N PRO A 623 27.52 2.87 -2.91
CA PRO A 623 27.13 3.68 -4.06
C PRO A 623 25.74 3.31 -4.55
N VAL A 624 25.13 4.24 -5.29
CA VAL A 624 23.75 4.02 -5.74
C VAL A 624 23.68 2.78 -6.63
N ASP A 625 24.75 2.48 -7.37
CA ASP A 625 24.81 1.34 -8.29
C ASP A 625 25.68 0.21 -7.74
N PHE A 626 25.71 0.05 -6.42
CA PHE A 626 26.37 -1.07 -5.77
C PHE A 626 25.95 -2.39 -6.38
N LYS A 627 26.91 -3.33 -6.44
CA LYS A 627 26.72 -4.71 -6.85
C LYS A 627 26.67 -4.85 -8.36
N LYS A 628 27.80 -4.55 -9.02
CA LYS A 628 27.92 -4.79 -10.44
C LYS A 628 27.75 -6.28 -10.73
N ARG A 629 27.18 -6.59 -11.88
CA ARG A 629 26.52 -7.86 -12.08
C ARG A 629 27.31 -8.78 -13.02
C1 GOL B . 5.65 -10.97 8.26
O1 GOL B . 5.68 -11.04 6.83
C2 GOL B . 6.74 -11.96 8.88
O2 GOL B . 7.71 -12.43 7.96
C3 GOL B . 5.99 -13.12 9.58
O3 GOL B . 6.99 -13.85 10.29
MG MG C . 3.44 -7.92 9.73
MG MG D . -5.60 20.69 -20.98
C FMT E . 24.95 7.25 18.44
O1 FMT E . 25.73 6.44 17.91
O2 FMT E . 24.32 7.03 19.48
C FMT F . -0.57 4.96 -27.05
O1 FMT F . -0.89 3.89 -26.54
O2 FMT F . -1.35 5.68 -27.71
C FMT G . 8.57 -11.13 11.71
O1 FMT G . 8.90 -10.05 12.16
O2 FMT G . 7.54 -11.71 12.04
C FMT H . 2.00 6.34 9.14
O1 FMT H . 0.98 5.75 9.51
O2 FMT H . 2.96 5.77 8.58
#